data_9LK9
#
_entry.id   9LK9
#
_cell.length_a   1.00
_cell.length_b   1.00
_cell.length_c   1.00
_cell.angle_alpha   90.00
_cell.angle_beta   90.00
_cell.angle_gamma   90.00
#
_symmetry.space_group_name_H-M   'P 1'
#
loop_
_entity.id
_entity.type
_entity.pdbx_description
1 polymer 'Sodium- and chloride-dependent GABA transporter 3'
2 non-polymer '(3S)-1-{2-[tris(4-methoxyphenyl)methoxy]ethyl}piperidine-3-carboxylic acid'
3 non-polymer 'CHLORIDE ION'
#
_entity_poly.entity_id   1
_entity_poly.type   'polypeptide(L)'
_entity_poly.pdbx_seq_one_letter_code
;MTAEKALPLGNGKAAEEARESEAPGGGSSSGGAAPARHPRVKRDKAVHERGHWNNKVEFVLSVAGEIIGLGNVWRFPYLC
YKNGGGAFLIPYVVFFICCGIPVFFLETALGQFTSEGGITCWRKVCPLFEGIGYATQVIEAHLNVYYIIILAWAIFYLSN
CFTTELPWATCGHEWNTENCVEFQKLNVSNYSHVSLQNATSPVMEFWEHRVLAISDGIEHIGNLRWELALCLLAAWTICY
FCIWKGTKSTGKVVYVTATFPYIMLLILLIRGVTLPGASEGIKFYLYPDLSRLSDPQVWVDAGTQIFFSYAICLGCLTAL
GSYNNYNNNCYRDCIMLCCLNSGTSFVAGFAIFSVLGFMAYEQGVPIAEVAESGPGLAFIAYPKAVTMMPLSPLWATLFF
MMLIFLGLDSQFVCVESLVTAVVDMYPKVFRRGYRRELLILALSVISYFLGLVMLTEGGMYIFQLFDSYAASGMCLLFVA
IFECICIGWVYGSNRFYDNIEDMIGYRPPSLIKWCWMIMTPGICAGIFIFFLIKYKPLKYNNIYTYPAWGYGIGWLMALS
SMLCIPLWICITVWKTEGTLPEKLQKLTTPSTDLKMRGKLGVSPRMVTVNDSDAKLKSDGTIAAITEKETHF
;
_entity_poly.pdbx_strand_id   A
#
# COMPACT_ATOMS: atom_id res chain seq x y z
N LEU A 61 19.22 17.66 12.29
CA LEU A 61 18.23 16.60 12.16
C LEU A 61 17.73 16.49 10.73
N SER A 62 17.77 15.27 10.18
CA SER A 62 17.30 15.02 8.83
C SER A 62 16.80 13.59 8.72
N VAL A 63 15.93 13.35 7.74
CA VAL A 63 15.38 12.02 7.50
C VAL A 63 15.63 11.52 6.09
N ALA A 64 16.17 12.35 5.20
CA ALA A 64 16.46 11.98 3.82
C ALA A 64 15.21 11.46 3.11
N GLY A 65 15.40 10.47 2.23
CA GLY A 65 14.30 9.91 1.49
C GLY A 65 13.52 8.86 2.26
N GLU A 66 12.73 9.29 3.24
CA GLU A 66 11.94 8.37 4.04
C GLU A 66 10.50 8.27 3.56
N ILE A 67 9.87 9.40 3.21
CA ILE A 67 8.48 9.38 2.78
C ILE A 67 8.35 8.70 1.42
N ILE A 68 9.33 8.87 0.54
CA ILE A 68 9.22 8.34 -0.81
C ILE A 68 9.32 6.82 -0.78
N GLY A 69 8.40 6.17 -1.48
CA GLY A 69 8.37 4.72 -1.53
C GLY A 69 7.41 4.22 -2.59
N LEU A 70 7.20 2.91 -2.59
CA LEU A 70 6.30 2.30 -3.56
C LEU A 70 4.83 2.56 -3.24
N GLY A 71 4.52 3.12 -2.08
CA GLY A 71 3.14 3.39 -1.72
C GLY A 71 2.49 4.53 -2.47
N ASN A 72 3.28 5.43 -3.05
CA ASN A 72 2.76 6.55 -3.81
C ASN A 72 3.23 6.61 -5.26
N VAL A 73 4.21 5.81 -5.65
CA VAL A 73 4.69 5.80 -7.03
C VAL A 73 3.96 4.74 -7.86
N TRP A 74 3.68 3.58 -7.27
CA TRP A 74 3.03 2.49 -7.96
C TRP A 74 1.55 2.35 -7.64
N ARG A 75 1.15 2.61 -6.41
CA ARG A 75 -0.22 2.35 -5.99
C ARG A 75 -1.16 3.53 -6.27
N PHE A 76 -0.74 4.75 -5.94
CA PHE A 76 -1.63 5.90 -6.09
C PHE A 76 -2.04 6.15 -7.55
N PRO A 77 -1.12 6.20 -8.52
CA PRO A 77 -1.58 6.33 -9.92
C PRO A 77 -2.45 5.16 -10.36
N TYR A 78 -2.19 3.97 -9.84
CA TYR A 78 -3.03 2.81 -10.14
C TYR A 78 -4.46 3.04 -9.69
N LEU A 79 -4.64 3.49 -8.45
CA LEU A 79 -5.99 3.63 -7.90
C LEU A 79 -6.70 4.84 -8.48
N CYS A 80 -5.98 5.93 -8.75
CA CYS A 80 -6.60 7.12 -9.31
C CYS A 80 -7.14 6.85 -10.71
N TYR A 81 -6.38 6.10 -11.53
CA TYR A 81 -6.82 5.83 -12.89
C TYR A 81 -7.93 4.80 -12.94
N LYS A 82 -7.96 3.88 -11.98
CA LYS A 82 -8.93 2.78 -12.02
C LYS A 82 -10.33 3.25 -11.63
N ASN A 83 -10.47 3.84 -10.44
CA ASN A 83 -11.77 4.26 -9.95
C ASN A 83 -12.39 5.37 -10.80
N GLY A 84 -11.57 6.19 -11.45
CA GLY A 84 -12.10 7.29 -12.24
C GLY A 84 -11.03 8.28 -12.66
N GLY A 85 -11.30 9.56 -12.44
CA GLY A 85 -10.36 10.60 -12.78
C GLY A 85 -10.03 11.52 -11.62
N GLY A 86 -10.32 12.81 -11.77
CA GLY A 86 -10.12 13.74 -10.67
C GLY A 86 -11.16 13.63 -9.57
N ALA A 87 -12.22 12.86 -9.79
CA ALA A 87 -13.22 12.67 -8.75
C ALA A 87 -12.66 11.94 -7.55
N PHE A 88 -11.61 11.13 -7.76
CA PHE A 88 -10.98 10.41 -6.66
C PHE A 88 -10.23 11.33 -5.71
N LEU A 89 -9.90 12.55 -6.15
CA LEU A 89 -9.12 13.46 -5.33
C LEU A 89 -9.93 14.14 -4.23
N ILE A 90 -11.26 14.09 -4.31
CA ILE A 90 -12.11 14.69 -3.28
C ILE A 90 -12.12 13.80 -2.04
N PRO A 91 -12.39 12.48 -2.15
CA PRO A 91 -12.28 11.64 -0.94
C PRO A 91 -10.86 11.54 -0.41
N TYR A 92 -9.85 11.85 -1.22
CA TYR A 92 -8.47 11.85 -0.75
C TYR A 92 -8.14 13.05 0.14
N VAL A 93 -8.99 14.07 0.16
CA VAL A 93 -8.76 15.25 0.96
C VAL A 93 -9.51 15.17 2.29
N VAL A 94 -10.80 14.81 2.25
CA VAL A 94 -11.58 14.70 3.47
C VAL A 94 -11.08 13.56 4.35
N PHE A 95 -10.41 12.56 3.77
CA PHE A 95 -9.82 11.47 4.53
C PHE A 95 -8.39 11.75 4.95
N PHE A 96 -7.87 12.94 4.64
CA PHE A 96 -6.49 13.31 4.93
C PHE A 96 -6.36 14.16 6.19
N ILE A 97 -7.10 15.26 6.26
CA ILE A 97 -7.02 16.12 7.43
C ILE A 97 -7.68 15.47 8.65
N CYS A 98 -8.82 14.81 8.44
CA CYS A 98 -9.60 14.28 9.56
C CYS A 98 -9.14 12.89 9.98
N CYS A 99 -9.20 11.92 9.08
CA CYS A 99 -8.83 10.54 9.38
C CYS A 99 -7.36 10.25 9.08
N GLY A 100 -6.54 11.29 9.03
CA GLY A 100 -5.13 11.16 8.71
C GLY A 100 -4.23 11.46 9.88
N ILE A 101 -3.77 12.71 9.95
CA ILE A 101 -2.82 13.19 10.95
C ILE A 101 -3.19 12.79 12.38
N PRO A 102 -4.47 12.88 12.81
CA PRO A 102 -4.78 12.47 14.19
C PRO A 102 -4.38 11.04 14.52
N VAL A 103 -4.63 10.09 13.61
CA VAL A 103 -4.30 8.69 13.90
C VAL A 103 -2.79 8.48 13.91
N PHE A 104 -2.09 9.09 12.96
CA PHE A 104 -0.63 9.00 12.94
C PHE A 104 -0.03 9.57 14.22
N PHE A 105 -0.52 10.73 14.65
CA PHE A 105 -0.04 11.35 15.88
C PHE A 105 -0.34 10.48 17.09
N LEU A 106 -1.54 9.89 17.15
CA LEU A 106 -1.88 9.01 18.25
C LEU A 106 -0.94 7.81 18.31
N GLU A 107 -0.69 7.18 17.17
CA GLU A 107 0.18 6.02 17.14
C GLU A 107 1.60 6.38 17.54
N THR A 108 2.12 7.49 17.00
CA THR A 108 3.49 7.89 17.34
C THR A 108 3.63 8.24 18.81
N ALA A 109 2.66 8.98 19.37
CA ALA A 109 2.72 9.33 20.78
C ALA A 109 2.61 8.10 21.67
N LEU A 110 1.72 7.16 21.31
CA LEU A 110 1.59 5.94 22.10
C LEU A 110 2.87 5.12 22.05
N GLY A 111 3.51 5.04 20.88
CA GLY A 111 4.77 4.33 20.79
C GLY A 111 5.93 5.02 21.46
N GLN A 112 5.87 6.35 21.60
CA GLN A 112 6.94 7.08 22.27
C GLN A 112 6.81 7.08 23.79
N PHE A 113 5.59 7.19 24.31
CA PHE A 113 5.40 7.26 25.75
C PHE A 113 5.68 5.92 26.42
N THR A 114 5.12 4.84 25.89
CA THR A 114 5.31 3.52 26.49
C THR A 114 6.69 2.95 26.22
N SER A 115 7.44 3.52 25.27
CA SER A 115 8.80 3.06 24.94
C SER A 115 8.81 1.57 24.58
N GLU A 116 7.78 1.14 23.85
CA GLU A 116 7.68 -0.24 23.40
C GLU A 116 6.63 -0.32 22.31
N GLY A 117 6.79 -1.30 21.42
CA GLY A 117 5.87 -1.47 20.31
C GLY A 117 5.32 -2.87 20.20
N GLY A 118 4.53 -3.13 19.15
CA GLY A 118 3.93 -4.43 18.96
C GLY A 118 2.61 -4.59 19.68
N ILE A 119 2.54 -5.55 20.61
CA ILE A 119 1.33 -5.81 21.36
C ILE A 119 1.47 -5.48 22.85
N THR A 120 2.68 -5.51 23.40
CA THR A 120 2.84 -5.22 24.83
C THR A 120 2.45 -3.79 25.15
N CYS A 121 2.66 -2.86 24.21
CA CYS A 121 2.27 -1.48 24.44
C CYS A 121 0.75 -1.35 24.56
N TRP A 122 0.00 -2.16 23.80
CA TRP A 122 -1.44 -2.17 23.99
C TRP A 122 -1.85 -3.03 25.19
N ARG A 123 -0.96 -3.89 25.67
CA ARG A 123 -1.22 -4.59 26.92
C ARG A 123 -1.16 -3.63 28.10
N LYS A 124 -0.20 -2.69 28.07
CA LYS A 124 -0.07 -1.73 29.16
C LYS A 124 -1.27 -0.79 29.22
N VAL A 125 -1.76 -0.33 28.08
CA VAL A 125 -2.86 0.63 28.01
C VAL A 125 -4.11 -0.15 27.62
N CYS A 126 -5.09 -0.17 28.54
CA CYS A 126 -6.34 -0.91 28.34
C CYS A 126 -6.04 -2.39 28.09
N PRO A 127 -5.64 -3.15 29.12
CA PRO A 127 -5.28 -4.55 28.90
C PRO A 127 -6.39 -5.38 28.27
N LEU A 128 -7.65 -4.97 28.43
CA LEU A 128 -8.74 -5.67 27.74
C LEU A 128 -8.58 -5.59 26.23
N PHE A 129 -8.20 -4.42 25.72
CA PHE A 129 -7.99 -4.23 24.29
C PHE A 129 -6.55 -4.60 23.92
N GLU A 130 -6.24 -5.88 24.13
CA GLU A 130 -4.95 -6.43 23.73
C GLU A 130 -5.01 -7.10 22.36
N GLY A 131 -6.21 -7.41 21.87
CA GLY A 131 -6.35 -8.05 20.58
C GLY A 131 -6.07 -7.17 19.38
N ILE A 132 -5.93 -5.85 19.60
CA ILE A 132 -5.60 -4.95 18.50
C ILE A 132 -4.22 -5.30 17.94
N GLY A 133 -3.27 -5.58 18.82
CA GLY A 133 -1.93 -5.92 18.37
C GLY A 133 -1.89 -7.16 17.50
N TYR A 134 -2.62 -8.20 17.90
CA TYR A 134 -2.65 -9.44 17.13
C TYR A 134 -3.22 -9.20 15.73
N ALA A 135 -4.23 -8.33 15.61
CA ALA A 135 -4.78 -8.00 14.30
C ALA A 135 -3.73 -7.30 13.44
N THR A 136 -2.93 -6.42 14.04
CA THR A 136 -1.92 -5.71 13.27
C THR A 136 -0.75 -6.60 12.88
N GLN A 137 -0.47 -7.65 13.65
CA GLN A 137 0.60 -8.56 13.29
C GLN A 137 0.19 -9.46 12.12
N VAL A 138 -1.06 -9.92 12.12
CA VAL A 138 -1.52 -10.81 11.06
C VAL A 138 -1.56 -10.08 9.72
N ILE A 139 -2.06 -8.84 9.71
CA ILE A 139 -2.12 -8.08 8.47
C ILE A 139 -0.72 -7.75 7.95
N GLU A 140 0.22 -7.49 8.86
CA GLU A 140 1.61 -7.28 8.43
C GLU A 140 2.18 -8.53 7.77
N ALA A 141 1.89 -9.71 8.35
CA ALA A 141 2.35 -10.95 7.73
C ALA A 141 1.70 -11.16 6.37
N HIS A 142 0.42 -10.82 6.23
CA HIS A 142 -0.24 -10.92 4.94
C HIS A 142 0.42 -10.00 3.92
N LEU A 143 0.76 -8.78 4.34
CA LEU A 143 1.42 -7.84 3.42
C LEU A 143 2.80 -8.34 3.03
N ASN A 144 3.54 -8.94 3.96
CA ASN A 144 4.90 -9.36 3.69
C ASN A 144 4.97 -10.42 2.58
N VAL A 145 3.95 -11.26 2.47
CA VAL A 145 4.01 -12.36 1.51
C VAL A 145 3.94 -11.84 0.08
N TYR A 146 3.03 -10.90 -0.20
CA TYR A 146 2.78 -10.44 -1.56
C TYR A 146 3.52 -9.17 -1.93
N TYR A 147 3.97 -8.38 -0.96
CA TYR A 147 4.66 -7.14 -1.29
C TYR A 147 5.95 -7.42 -2.06
N ILE A 148 6.59 -8.57 -1.80
CA ILE A 148 7.81 -8.94 -2.49
C ILE A 148 7.57 -9.36 -3.94
N ILE A 149 6.32 -9.62 -4.31
CA ILE A 149 6.03 -10.04 -5.68
C ILE A 149 6.31 -8.91 -6.66
N ILE A 150 6.02 -7.68 -6.26
CA ILE A 150 6.26 -6.53 -7.13
C ILE A 150 7.74 -6.40 -7.47
N LEU A 151 8.60 -6.70 -6.49
CA LEU A 151 10.04 -6.62 -6.72
C LEU A 151 10.54 -7.70 -7.67
N ALA A 152 9.75 -8.74 -7.93
CA ALA A 152 10.17 -9.77 -8.87
C ALA A 152 10.07 -9.27 -10.30
N TRP A 153 9.01 -8.52 -10.63
CA TRP A 153 8.84 -8.02 -11.98
C TRP A 153 9.91 -6.98 -12.32
N ALA A 154 10.30 -6.15 -11.36
CA ALA A 154 11.34 -5.17 -11.60
C ALA A 154 12.68 -5.83 -11.90
N ILE A 155 12.97 -6.94 -11.21
CA ILE A 155 14.20 -7.68 -11.48
C ILE A 155 14.18 -8.21 -12.91
N PHE A 156 13.05 -8.77 -13.33
CA PHE A 156 12.94 -9.29 -14.69
C PHE A 156 13.11 -8.19 -15.73
N TYR A 157 12.47 -7.03 -15.49
CA TYR A 157 12.58 -5.92 -16.43
C TYR A 157 14.01 -5.39 -16.51
N LEU A 158 14.70 -5.30 -15.37
CA LEU A 158 16.08 -4.83 -15.37
C LEU A 158 17.01 -5.85 -16.00
N SER A 159 16.66 -7.14 -15.94
CA SER A 159 17.55 -8.18 -16.42
C SER A 159 17.81 -8.06 -17.92
N ASN A 160 16.75 -7.85 -18.70
CA ASN A 160 16.86 -7.75 -20.15
C ASN A 160 16.96 -6.30 -20.63
N CYS A 161 17.46 -5.41 -19.78
CA CYS A 161 17.64 -4.01 -20.14
C CYS A 161 19.01 -3.73 -20.73
N PHE A 162 20.00 -4.59 -20.47
CA PHE A 162 21.37 -4.39 -20.94
C PHE A 162 21.47 -4.80 -22.41
N THR A 163 20.93 -3.95 -23.27
CA THR A 163 20.95 -4.19 -24.71
C THR A 163 20.82 -2.87 -25.44
N THR A 164 21.22 -2.87 -26.71
CA THR A 164 21.17 -1.64 -27.51
C THR A 164 19.74 -1.22 -27.79
N GLU A 165 18.87 -2.19 -28.12
CA GLU A 165 17.47 -1.91 -28.43
C GLU A 165 16.61 -2.53 -27.32
N LEU A 166 15.71 -1.73 -26.76
CA LEU A 166 14.85 -2.20 -25.69
C LEU A 166 13.80 -3.16 -26.26
N PRO A 167 13.60 -4.32 -25.64
CA PRO A 167 12.61 -5.28 -26.17
C PRO A 167 11.17 -4.77 -26.16
N TRP A 168 10.84 -3.78 -25.33
CA TRP A 168 9.47 -3.29 -25.21
C TRP A 168 9.23 -2.03 -26.04
N ALA A 169 9.90 -1.90 -27.18
CA ALA A 169 9.74 -0.75 -28.03
C ALA A 169 9.57 -1.07 -29.51
N THR A 170 9.80 -2.31 -29.92
CA THR A 170 9.71 -2.70 -31.33
C THR A 170 8.71 -3.84 -31.50
N CYS A 171 8.31 -4.06 -32.74
CA CYS A 171 7.38 -5.12 -33.10
C CYS A 171 8.08 -6.17 -33.95
N GLY A 172 7.53 -7.38 -33.91
CA GLY A 172 8.06 -8.50 -34.67
C GLY A 172 8.67 -9.62 -33.85
N HIS A 173 8.51 -9.60 -32.53
CA HIS A 173 9.07 -10.65 -31.69
C HIS A 173 8.16 -11.87 -31.68
N GLU A 174 8.67 -12.96 -31.08
CA GLU A 174 7.92 -14.21 -31.05
C GLU A 174 6.61 -14.07 -30.28
N TRP A 175 6.65 -13.41 -29.12
CA TRP A 175 5.45 -13.26 -28.30
C TRP A 175 4.44 -12.31 -28.93
N ASN A 176 4.89 -11.38 -29.77
CA ASN A 176 3.99 -10.40 -30.34
C ASN A 176 3.00 -11.03 -31.31
N THR A 177 1.78 -10.51 -31.30
CA THR A 177 0.74 -10.97 -32.22
C THR A 177 0.83 -10.16 -33.51
N GLU A 178 -0.12 -10.40 -34.43
CA GLU A 178 -0.13 -9.73 -35.72
C GLU A 178 -0.81 -8.37 -35.71
N ASN A 179 -1.44 -8.00 -34.60
CA ASN A 179 -2.22 -6.77 -34.53
C ASN A 179 -1.42 -5.58 -34.04
N CYS A 180 -0.16 -5.76 -33.67
CA CYS A 180 0.64 -4.65 -33.15
C CYS A 180 1.02 -3.70 -34.28
N VAL A 181 1.06 -2.42 -33.96
CA VAL A 181 1.50 -1.37 -34.87
C VAL A 181 2.60 -0.57 -34.19
N GLU A 182 3.75 -0.46 -34.85
CA GLU A 182 4.87 0.32 -34.31
C GLU A 182 4.57 1.80 -34.53
N PHE A 183 3.92 2.40 -33.54
CA PHE A 183 3.51 3.80 -33.63
C PHE A 183 4.74 4.70 -33.59
N GLN A 184 4.51 5.98 -33.90
CA GLN A 184 5.49 7.06 -33.96
C GLN A 184 6.41 6.92 -35.17
N LYS A 185 6.33 5.81 -35.91
CA LYS A 185 7.13 5.58 -37.11
C LYS A 185 6.16 5.41 -38.28
N LEU A 186 5.77 6.53 -38.87
CA LEU A 186 4.86 6.55 -40.02
C LEU A 186 3.56 5.78 -39.73
N SER A 195 -6.92 6.58 -37.44
CA SER A 195 -6.80 5.48 -36.51
C SER A 195 -6.88 4.14 -37.23
N LEU A 196 -6.97 3.05 -36.46
CA LEU A 196 -7.04 1.71 -37.04
C LEU A 196 -7.66 0.80 -35.99
N GLN A 197 -8.76 0.14 -36.34
CA GLN A 197 -9.50 -0.65 -35.37
C GLN A 197 -8.76 -1.94 -35.02
N ASN A 198 -9.04 -2.45 -33.83
CA ASN A 198 -8.41 -3.68 -33.32
C ASN A 198 -6.89 -3.55 -33.31
N ALA A 199 -6.40 -2.41 -32.85
CA ALA A 199 -4.98 -2.12 -32.79
C ALA A 199 -4.51 -2.10 -31.35
N THR A 200 -3.27 -2.56 -31.13
CA THR A 200 -2.67 -2.58 -29.81
C THR A 200 -1.32 -1.86 -29.83
N SER A 201 -0.56 -1.97 -28.75
CA SER A 201 0.73 -1.32 -28.64
C SER A 201 1.79 -2.33 -28.23
N PRO A 202 3.03 -2.16 -28.70
CA PRO A 202 4.10 -3.08 -28.32
C PRO A 202 4.39 -3.09 -26.83
N VAL A 203 4.21 -1.96 -26.15
CA VAL A 203 4.50 -1.89 -24.72
C VAL A 203 3.56 -2.79 -23.94
N MET A 204 2.27 -2.77 -24.26
CA MET A 204 1.30 -3.60 -23.56
C MET A 204 1.46 -5.09 -23.86
N GLU A 205 2.03 -5.43 -25.02
CA GLU A 205 2.25 -6.83 -25.35
C GLU A 205 3.49 -7.41 -24.67
N PHE A 206 4.37 -6.57 -24.13
CA PHE A 206 5.45 -7.03 -23.28
C PHE A 206 5.02 -7.22 -21.85
N TRP A 207 3.78 -6.84 -21.50
CA TRP A 207 3.21 -7.06 -20.19
C TRP A 207 2.11 -8.10 -20.16
N GLU A 208 1.29 -8.17 -21.21
CA GLU A 208 0.18 -9.11 -21.24
C GLU A 208 0.54 -10.45 -21.89
N HIS A 209 1.73 -10.59 -22.46
CA HIS A 209 2.07 -11.84 -23.14
C HIS A 209 3.48 -12.35 -22.87
N ARG A 210 4.39 -11.57 -22.31
CA ARG A 210 5.77 -12.01 -22.12
C ARG A 210 6.12 -12.21 -20.65
N VAL A 211 5.97 -11.17 -19.81
CA VAL A 211 6.27 -11.33 -18.39
C VAL A 211 5.20 -12.16 -17.70
N LEU A 212 3.93 -11.89 -18.01
CA LEU A 212 2.80 -12.59 -17.42
C LEU A 212 1.91 -13.11 -18.54
N ALA A 213 1.97 -14.41 -18.80
CA ALA A 213 1.11 -15.03 -19.80
C ALA A 213 -0.28 -15.15 -19.17
N ILE A 214 -1.09 -14.11 -19.37
CA ILE A 214 -2.40 -14.04 -18.72
C ILE A 214 -3.31 -15.13 -19.28
N SER A 215 -3.92 -15.89 -18.38
CA SER A 215 -4.83 -16.97 -18.74
C SER A 215 -6.27 -16.55 -18.45
N ASP A 216 -7.17 -16.91 -19.36
CA ASP A 216 -8.57 -16.51 -19.24
C ASP A 216 -9.22 -17.25 -18.07
N GLY A 217 -9.55 -16.51 -17.02
CA GLY A 217 -10.27 -17.08 -15.89
C GLY A 217 -9.36 -17.51 -14.77
N ILE A 218 -9.91 -17.49 -13.55
CA ILE A 218 -9.16 -17.96 -12.39
C ILE A 218 -9.21 -19.47 -12.26
N GLU A 219 -10.17 -20.14 -12.91
CA GLU A 219 -10.25 -21.59 -12.82
C GLU A 219 -9.02 -22.26 -13.42
N HIS A 220 -8.55 -21.76 -14.56
CA HIS A 220 -7.36 -22.28 -15.21
C HIS A 220 -6.13 -21.57 -14.66
N ILE A 221 -5.31 -22.30 -13.90
CA ILE A 221 -4.07 -21.73 -13.36
C ILE A 221 -2.86 -22.07 -14.21
N GLY A 222 -2.96 -23.05 -15.11
CA GLY A 222 -1.91 -23.36 -16.06
C GLY A 222 -0.63 -23.81 -15.40
N ASN A 223 0.48 -23.50 -16.06
CA ASN A 223 1.80 -23.88 -15.59
C ASN A 223 2.38 -22.77 -14.72
N LEU A 224 3.67 -22.87 -14.39
CA LEU A 224 4.36 -21.88 -13.59
C LEU A 224 5.52 -21.30 -14.39
N ARG A 225 5.66 -19.97 -14.32
CA ARG A 225 6.72 -19.27 -15.04
C ARG A 225 8.01 -19.40 -14.24
N TRP A 226 8.93 -20.25 -14.71
CA TRP A 226 10.16 -20.50 -13.97
C TRP A 226 11.08 -19.29 -13.96
N GLU A 227 11.03 -18.48 -15.03
CA GLU A 227 11.90 -17.31 -15.10
C GLU A 227 11.58 -16.32 -13.99
N LEU A 228 10.29 -16.09 -13.72
CA LEU A 228 9.91 -15.21 -12.63
C LEU A 228 10.19 -15.86 -11.27
N ALA A 229 10.14 -17.19 -11.23
CA ALA A 229 10.35 -17.91 -9.95
C ALA A 229 11.77 -17.62 -9.44
N LEU A 230 12.77 -17.71 -10.31
CA LEU A 230 14.18 -17.45 -9.90
C LEU A 230 14.30 -16.01 -9.40
N CYS A 231 13.65 -15.06 -10.08
CA CYS A 231 13.78 -13.64 -9.69
C CYS A 231 13.28 -13.47 -8.24
N LEU A 232 12.15 -14.08 -7.90
CA LEU A 232 11.62 -13.99 -6.52
C LEU A 232 12.66 -14.57 -5.56
N LEU A 233 13.27 -15.70 -5.91
CA LEU A 233 14.25 -16.36 -4.99
C LEU A 233 15.39 -15.38 -4.70
N ALA A 234 15.84 -14.66 -5.73
CA ALA A 234 16.93 -13.66 -5.54
C ALA A 234 16.46 -12.61 -4.53
N ALA A 235 15.25 -12.08 -4.69
CA ALA A 235 14.79 -11.00 -3.80
C ALA A 235 14.89 -11.45 -2.34
N TRP A 236 14.46 -12.68 -2.05
CA TRP A 236 14.48 -13.18 -0.65
C TRP A 236 15.94 -13.31 -0.18
N THR A 237 16.81 -13.91 -0.99
CA THR A 237 18.22 -14.10 -0.60
C THR A 237 18.84 -12.73 -0.32
N ILE A 238 18.61 -11.77 -1.21
CA ILE A 238 19.23 -10.42 -1.03
C ILE A 238 18.83 -9.88 0.34
N CYS A 239 17.59 -10.14 0.79
CA CYS A 239 17.21 -9.52 2.09
C CYS A 239 17.33 -10.49 3.26
N TYR A 240 17.44 -11.80 3.01
CA TYR A 240 17.75 -12.69 4.16
C TYR A 240 19.15 -12.27 4.62
N PHE A 241 19.91 -11.67 3.70
CA PHE A 241 21.25 -11.16 4.04
C PHE A 241 21.14 -9.71 4.54
N CYS A 242 20.10 -8.98 4.10
CA CYS A 242 19.90 -7.61 4.66
C CYS A 242 19.86 -7.72 6.18
N ILE A 243 19.09 -8.69 6.70
CA ILE A 243 18.90 -8.83 8.18
C ILE A 243 19.88 -9.88 8.71
N TRP A 244 20.86 -10.28 7.90
CA TRP A 244 21.88 -11.27 8.34
C TRP A 244 21.30 -12.17 9.44
N VAL A 256 25.10 12.09 -1.09
CA VAL A 256 25.16 10.64 -0.95
C VAL A 256 23.91 9.99 -1.54
N THR A 257 23.55 8.83 -1.00
CA THR A 257 22.39 8.09 -1.46
C THR A 257 21.15 8.67 -0.75
N ALA A 258 19.98 8.06 -0.96
CA ALA A 258 18.68 8.44 -0.42
C ALA A 258 18.13 9.72 -1.04
N THR A 259 18.88 10.40 -1.90
CA THR A 259 18.38 11.50 -2.70
C THR A 259 18.22 11.13 -4.16
N PHE A 260 18.60 9.91 -4.54
CA PHE A 260 18.49 9.47 -5.93
C PHE A 260 17.05 9.42 -6.44
N PRO A 261 16.06 8.90 -5.71
CA PRO A 261 14.71 8.83 -6.28
C PRO A 261 14.12 10.17 -6.69
N TYR A 262 14.44 11.24 -5.97
CA TYR A 262 13.89 12.55 -6.31
C TYR A 262 14.36 13.02 -7.68
N ILE A 263 15.63 12.77 -8.00
CA ILE A 263 16.16 13.17 -9.31
C ILE A 263 15.44 12.41 -10.42
N MET A 264 15.23 11.11 -10.24
CA MET A 264 14.51 10.34 -11.26
C MET A 264 13.07 10.80 -11.40
N LEU A 265 12.41 11.11 -10.28
CA LEU A 265 11.05 11.63 -10.35
C LEU A 265 11.00 12.95 -11.11
N LEU A 266 11.95 13.85 -10.85
CA LEU A 266 12.00 15.12 -11.57
C LEU A 266 12.26 14.89 -13.05
N ILE A 267 13.16 13.97 -13.38
CA ILE A 267 13.47 13.70 -14.80
C ILE A 267 12.24 13.15 -15.51
N LEU A 268 11.52 12.23 -14.87
CA LEU A 268 10.30 11.69 -15.48
C LEU A 268 9.24 12.76 -15.62
N LEU A 269 9.10 13.65 -14.63
CA LEU A 269 8.11 14.71 -14.70
C LEU A 269 8.43 15.68 -15.85
N ILE A 270 9.71 16.00 -16.02
CA ILE A 270 10.10 16.94 -17.08
C ILE A 270 9.77 16.36 -18.46
N ARG A 271 10.07 15.07 -18.66
CA ARG A 271 9.79 14.43 -19.94
C ARG A 271 8.31 14.17 -20.17
N GLY A 272 7.47 14.34 -19.14
CA GLY A 272 6.06 14.07 -19.28
C GLY A 272 5.24 15.28 -19.69
N VAL A 273 5.44 16.40 -19.01
CA VAL A 273 4.65 17.60 -19.30
C VAL A 273 5.01 18.18 -20.67
N THR A 274 6.26 18.04 -21.08
CA THR A 274 6.70 18.58 -22.38
C THR A 274 6.51 17.55 -23.48
N LEU A 275 5.26 17.11 -23.63
CA LEU A 275 4.88 16.16 -24.66
C LEU A 275 3.59 16.62 -25.33
N PRO A 276 3.39 16.26 -26.60
CA PRO A 276 2.12 16.59 -27.26
C PRO A 276 0.95 15.93 -26.55
N GLY A 277 -0.15 16.66 -26.45
CA GLY A 277 -1.34 16.15 -25.79
C GLY A 277 -1.21 15.98 -24.29
N ALA A 278 -0.15 16.52 -23.68
CA ALA A 278 0.02 16.38 -22.23
C ALA A 278 -1.06 17.13 -21.48
N SER A 279 -1.43 18.32 -21.94
CA SER A 279 -2.44 19.12 -21.24
C SER A 279 -3.80 18.44 -21.25
N GLU A 280 -4.11 17.68 -22.30
CA GLU A 280 -5.39 16.98 -22.36
C GLU A 280 -5.50 15.95 -21.24
N GLY A 281 -4.42 15.21 -20.97
CA GLY A 281 -4.44 14.24 -19.89
C GLY A 281 -4.56 14.86 -18.52
N ILE A 282 -3.94 16.04 -18.33
CA ILE A 282 -3.96 16.69 -17.03
C ILE A 282 -5.38 17.07 -16.64
N LYS A 283 -6.16 17.59 -17.59
CA LYS A 283 -7.54 17.96 -17.29
C LYS A 283 -8.36 16.75 -16.85
N PHE A 284 -8.04 15.57 -17.37
CA PHE A 284 -8.68 14.35 -16.89
C PHE A 284 -8.30 14.06 -15.44
N TYR A 285 -7.15 14.58 -15.00
CA TYR A 285 -6.64 14.31 -13.65
C TYR A 285 -7.06 15.37 -12.64
N LEU A 286 -7.26 16.62 -13.07
CA LEU A 286 -7.52 17.72 -12.17
C LEU A 286 -8.93 18.30 -12.29
N TYR A 287 -9.83 17.64 -13.02
CA TYR A 287 -11.22 18.07 -13.10
C TYR A 287 -12.12 16.96 -12.58
N PRO A 288 -12.66 17.09 -11.35
CA PRO A 288 -13.49 16.04 -10.76
C PRO A 288 -14.78 15.81 -11.54
N ASP A 289 -15.12 14.54 -11.75
CA ASP A 289 -16.35 14.16 -12.44
C ASP A 289 -17.36 13.77 -11.37
N LEU A 290 -18.20 14.73 -10.97
CA LEU A 290 -19.19 14.50 -9.93
C LEU A 290 -20.33 13.63 -10.46
N SER A 291 -21.36 13.46 -9.63
CA SER A 291 -22.55 12.64 -9.87
C SER A 291 -22.23 11.15 -9.96
N ARG A 292 -20.96 10.76 -9.87
CA ARG A 292 -20.56 9.36 -9.84
C ARG A 292 -19.98 8.97 -8.48
N LEU A 293 -20.03 9.86 -7.50
CA LEU A 293 -19.57 9.56 -6.15
C LEU A 293 -20.51 8.62 -5.41
N SER A 294 -21.69 8.34 -5.95
CA SER A 294 -22.63 7.46 -5.28
C SER A 294 -22.08 6.05 -5.13
N ASP A 295 -21.19 5.64 -6.01
CA ASP A 295 -20.58 4.32 -5.89
C ASP A 295 -19.63 4.29 -4.70
N PRO A 296 -19.78 3.35 -3.77
CA PRO A 296 -18.91 3.34 -2.59
C PRO A 296 -17.48 2.94 -2.89
N GLN A 297 -17.20 2.39 -4.07
CA GLN A 297 -15.84 1.95 -4.38
C GLN A 297 -14.87 3.13 -4.38
N VAL A 298 -15.31 4.28 -4.88
CA VAL A 298 -14.47 5.48 -4.85
C VAL A 298 -14.21 5.94 -3.42
N TRP A 299 -15.12 5.66 -2.49
CA TRP A 299 -15.00 6.14 -1.12
C TRP A 299 -14.18 5.23 -0.22
N VAL A 300 -14.13 3.93 -0.50
CA VAL A 300 -13.38 3.03 0.37
C VAL A 300 -11.93 2.85 -0.08
N ASP A 301 -11.65 3.00 -1.38
CA ASP A 301 -10.26 2.96 -1.82
C ASP A 301 -9.49 4.17 -1.33
N ALA A 302 -10.05 5.36 -1.51
CA ALA A 302 -9.52 6.54 -0.83
C ALA A 302 -9.73 6.40 0.66
N GLY A 303 -8.76 6.88 1.43
CA GLY A 303 -8.76 6.66 2.87
C GLY A 303 -8.04 5.38 3.23
N THR A 304 -8.46 4.25 2.65
CA THR A 304 -7.69 3.03 2.83
C THR A 304 -6.35 3.12 2.10
N GLN A 305 -6.28 3.87 1.01
CA GLN A 305 -4.98 4.15 0.39
C GLN A 305 -4.12 5.00 1.32
N ILE A 306 -4.73 5.99 1.98
CA ILE A 306 -4.00 6.80 2.95
C ILE A 306 -3.50 5.93 4.10
N PHE A 307 -4.30 4.95 4.51
CA PHE A 307 -3.89 4.04 5.56
C PHE A 307 -2.78 3.09 5.10
N PHE A 308 -2.82 2.67 3.83
CA PHE A 308 -1.72 1.89 3.28
C PHE A 308 -0.45 2.72 3.23
N SER A 309 -0.55 3.98 2.81
CA SER A 309 0.52 4.93 3.04
C SER A 309 0.56 5.29 4.53
N TYR A 310 1.56 6.08 4.91
CA TYR A 310 1.71 6.54 6.29
C TYR A 310 2.03 5.36 7.21
N ALA A 311 1.98 4.14 6.66
CA ALA A 311 2.19 2.90 7.40
C ALA A 311 1.30 2.80 8.65
N ILE A 312 0.08 3.33 8.56
CA ILE A 312 -0.85 3.30 9.67
C ILE A 312 -1.54 1.94 9.70
N CYS A 313 -1.79 1.43 10.92
CA CYS A 313 -2.50 0.18 11.16
C CYS A 313 -1.75 -1.04 10.64
N LEU A 314 -0.45 -0.89 10.40
CA LEU A 314 0.40 -2.01 9.96
C LEU A 314 1.28 -2.54 11.07
N GLY A 315 1.10 -2.05 12.30
CA GLY A 315 1.90 -2.51 13.42
C GLY A 315 3.37 -2.17 13.35
N CYS A 316 3.70 -1.00 12.82
CA CYS A 316 5.09 -0.56 12.76
C CYS A 316 5.27 0.85 13.30
N LEU A 317 4.22 1.67 13.18
CA LEU A 317 4.27 3.02 13.74
C LEU A 317 4.41 2.98 15.26
N THR A 318 3.69 2.05 15.91
CA THR A 318 3.78 1.93 17.35
C THR A 318 5.19 1.61 17.83
N ALA A 319 6.05 1.09 16.94
CA ALA A 319 7.45 0.89 17.25
C ALA A 319 8.33 2.02 16.75
N LEU A 320 7.83 2.85 15.83
CA LEU A 320 8.64 3.94 15.28
C LEU A 320 8.99 4.96 16.36
N GLY A 321 8.05 5.29 17.23
CA GLY A 321 8.31 6.24 18.29
C GLY A 321 9.11 5.69 19.46
N SER A 322 9.37 4.38 19.48
CA SER A 322 10.12 3.80 20.58
C SER A 322 11.59 4.18 20.56
N TYR A 323 12.11 4.66 19.43
CA TYR A 323 13.50 5.07 19.32
C TYR A 323 13.71 6.54 19.65
N ASN A 324 12.63 7.26 19.97
CA ASN A 324 12.75 8.71 20.27
C ASN A 324 13.36 8.88 21.67
N ASN A 325 13.45 10.12 22.15
CA ASN A 325 14.13 10.36 23.45
C ASN A 325 13.13 10.98 24.43
N TYR A 326 11.85 10.63 24.31
CA TYR A 326 10.84 10.97 25.35
C TYR A 326 10.82 12.48 25.60
N ASN A 327 11.67 13.23 24.89
CA ASN A 327 11.56 14.69 24.93
C ASN A 327 11.58 15.26 23.52
N ASN A 328 10.94 14.56 22.59
CA ASN A 328 10.89 14.98 21.19
C ASN A 328 9.54 15.64 20.91
N ASN A 329 9.59 16.72 20.14
CA ASN A 329 8.38 17.46 19.78
C ASN A 329 7.60 16.62 18.76
N CYS A 330 6.83 15.67 19.28
CA CYS A 330 6.16 14.70 18.43
C CYS A 330 5.11 15.36 17.54
N TYR A 331 4.37 16.33 18.06
CA TYR A 331 3.33 16.98 17.28
C TYR A 331 3.91 17.68 16.06
N ARG A 332 4.92 18.53 16.27
CA ARG A 332 5.55 19.21 15.15
C ARG A 332 6.44 18.28 14.34
N ASP A 333 6.72 17.08 14.85
CA ASP A 333 7.63 16.17 14.15
C ASP A 333 7.02 15.66 12.85
N CYS A 334 5.78 15.16 12.90
CA CYS A 334 5.27 14.52 11.69
C CYS A 334 4.74 15.54 10.70
N ILE A 335 4.41 16.75 11.16
CA ILE A 335 3.74 17.77 10.34
C ILE A 335 4.41 17.86 8.97
N MET A 336 5.72 17.64 8.93
CA MET A 336 6.39 17.41 7.65
C MET A 336 5.96 16.08 7.05
N LEU A 337 6.26 14.98 7.74
CA LEU A 337 5.92 13.65 7.23
C LEU A 337 4.41 13.47 7.12
N CYS A 338 3.66 14.00 8.10
CA CYS A 338 2.21 13.92 8.07
C CYS A 338 1.62 14.58 6.83
N CYS A 339 2.37 15.50 6.22
CA CYS A 339 1.91 16.24 5.04
C CYS A 339 2.77 16.01 3.80
N LEU A 340 4.11 16.00 3.94
CA LEU A 340 4.97 15.95 2.76
C LEU A 340 4.81 14.63 2.01
N ASN A 341 4.52 13.54 2.72
CA ASN A 341 4.37 12.26 2.04
C ASN A 341 3.18 12.27 1.09
N SER A 342 2.15 13.08 1.39
CA SER A 342 1.06 13.28 0.45
C SER A 342 1.41 14.26 -0.66
N GLY A 343 2.52 14.99 -0.52
CA GLY A 343 2.99 15.89 -1.56
C GLY A 343 3.77 15.24 -2.67
N THR A 344 4.07 13.95 -2.54
CA THR A 344 4.74 13.19 -3.60
C THR A 344 3.75 12.45 -4.49
N SER A 345 2.61 12.04 -3.94
CA SER A 345 1.59 11.38 -4.75
C SER A 345 1.06 12.33 -5.84
N PHE A 346 0.88 13.60 -5.50
CA PHE A 346 0.41 14.57 -6.49
C PHE A 346 1.40 14.72 -7.63
N VAL A 347 2.70 14.79 -7.32
CA VAL A 347 3.72 14.93 -8.35
C VAL A 347 3.80 13.66 -9.19
N ALA A 348 3.66 12.50 -8.56
CA ALA A 348 3.63 11.25 -9.32
C ALA A 348 2.45 11.20 -10.28
N GLY A 349 1.28 11.63 -9.81
CA GLY A 349 0.13 11.70 -10.70
C GLY A 349 0.32 12.68 -11.84
N PHE A 350 0.97 13.81 -11.55
CA PHE A 350 1.30 14.75 -12.61
C PHE A 350 2.21 14.12 -13.65
N ALA A 351 3.21 13.36 -13.19
CA ALA A 351 4.17 12.75 -14.12
C ALA A 351 3.51 11.65 -14.96
N ILE A 352 2.66 10.82 -14.33
CA ILE A 352 2.13 9.66 -15.04
C ILE A 352 0.94 10.05 -15.92
N PHE A 353 -0.03 10.77 -15.36
CA PHE A 353 -1.25 11.07 -16.10
C PHE A 353 -1.01 11.97 -17.31
N SER A 354 0.13 12.66 -17.36
CA SER A 354 0.46 13.43 -18.55
C SER A 354 0.87 12.51 -19.70
N VAL A 355 1.44 11.34 -19.38
CA VAL A 355 1.85 10.40 -20.42
C VAL A 355 0.64 9.79 -21.09
N LEU A 356 -0.41 9.50 -20.32
CA LEU A 356 -1.61 8.87 -20.88
C LEU A 356 -2.25 9.73 -21.96
N GLY A 357 -2.11 11.06 -21.85
CA GLY A 357 -2.58 11.93 -22.90
C GLY A 357 -1.79 11.77 -24.20
N PHE A 358 -0.49 11.50 -24.08
CA PHE A 358 0.34 11.31 -25.27
C PHE A 358 -0.12 10.10 -26.08
N MET A 359 -0.27 8.97 -25.37
CA MET A 359 -0.65 7.71 -26.05
C MET A 359 -2.01 7.93 -26.74
N ALA A 360 -2.89 8.70 -26.11
CA ALA A 360 -4.19 9.00 -26.75
C ALA A 360 -3.95 9.83 -28.02
N TYR A 361 -3.09 10.85 -27.95
CA TYR A 361 -2.86 11.73 -29.10
C TYR A 361 -2.11 10.96 -30.19
N GLU A 362 -1.64 9.75 -29.88
CA GLU A 362 -0.88 8.93 -30.85
C GLU A 362 -1.78 7.85 -31.44
N GLN A 363 -2.86 7.48 -30.76
CA GLN A 363 -3.75 6.39 -31.24
C GLN A 363 -5.18 6.89 -31.41
N GLY A 364 -5.43 8.17 -31.11
CA GLY A 364 -6.79 8.74 -31.22
C GLY A 364 -7.78 7.94 -30.39
N VAL A 365 -7.52 7.77 -29.10
CA VAL A 365 -8.40 6.93 -28.23
C VAL A 365 -8.80 7.71 -26.99
N PRO A 366 -9.85 7.31 -26.22
CA PRO A 366 -10.20 8.01 -24.98
C PRO A 366 -9.03 8.02 -23.99
N ILE A 367 -9.01 8.97 -23.05
CA ILE A 367 -7.94 8.97 -22.01
C ILE A 367 -8.05 7.64 -21.25
N ALA A 368 -9.24 7.04 -21.25
CA ALA A 368 -9.38 5.70 -20.63
C ALA A 368 -9.26 4.65 -21.73
N GLU A 369 -8.84 3.42 -21.39
CA GLU A 369 -8.69 2.32 -22.38
C GLU A 369 -7.31 2.40 -23.04
N VAL A 370 -6.57 3.49 -22.85
CA VAL A 370 -5.19 3.57 -23.41
C VAL A 370 -4.32 2.54 -22.68
N ALA A 371 -4.55 2.35 -21.36
CA ALA A 371 -3.71 1.42 -20.57
C ALA A 371 -4.59 0.49 -19.72
N GLU A 372 -4.00 -0.13 -18.69
CA GLU A 372 -4.75 -1.10 -17.85
C GLU A 372 -5.11 -0.44 -16.51
N SER A 373 -6.29 -0.74 -15.97
CA SER A 373 -6.74 -0.11 -14.71
C SER A 373 -6.18 -0.87 -13.51
N GLY A 374 -5.72 -2.10 -13.72
CA GLY A 374 -5.21 -2.93 -12.61
C GLY A 374 -3.78 -2.60 -12.25
N PRO A 375 -3.06 -3.44 -11.46
CA PRO A 375 -1.71 -3.12 -11.00
C PRO A 375 -0.64 -3.27 -12.09
N GLY A 376 -0.86 -2.66 -13.25
CA GLY A 376 0.15 -2.70 -14.33
C GLY A 376 0.48 -1.32 -14.87
N LEU A 377 -0.27 -0.30 -14.44
CA LEU A 377 -0.08 1.06 -15.02
C LEU A 377 1.39 1.48 -14.86
N ALA A 378 1.98 1.30 -13.68
CA ALA A 378 3.35 1.78 -13.45
C ALA A 378 4.34 1.03 -14.36
N PHE A 379 3.90 -0.07 -14.98
CA PHE A 379 4.80 -0.88 -15.84
C PHE A 379 4.37 -0.74 -17.30
N ILE A 380 3.38 0.10 -17.59
CA ILE A 380 2.92 0.33 -18.98
C ILE A 380 3.08 1.82 -19.34
N ALA A 381 3.14 2.70 -18.34
CA ALA A 381 3.22 4.15 -18.60
C ALA A 381 4.68 4.62 -18.57
N TYR A 382 5.42 4.26 -17.52
CA TYR A 382 6.83 4.71 -17.41
C TYR A 382 7.65 4.19 -18.60
N PRO A 383 7.76 2.86 -18.85
CA PRO A 383 8.62 2.37 -19.94
C PRO A 383 8.42 3.13 -21.26
N LYS A 384 7.21 3.64 -21.53
CA LYS A 384 6.96 4.43 -22.73
C LYS A 384 7.62 5.80 -22.65
N ALA A 385 7.51 6.46 -21.49
CA ALA A 385 8.17 7.76 -21.31
C ALA A 385 9.67 7.63 -21.40
N VAL A 386 10.24 6.56 -20.83
CA VAL A 386 11.68 6.34 -20.93
C VAL A 386 12.09 6.13 -22.39
N THR A 387 11.27 5.38 -23.13
CA THR A 387 11.55 5.17 -24.56
C THR A 387 11.53 6.49 -25.31
N MET A 388 10.57 7.36 -25.01
CA MET A 388 10.48 8.67 -25.65
C MET A 388 11.46 9.66 -25.01
N MET A 389 12.75 9.31 -25.09
CA MET A 389 13.82 10.10 -24.51
C MET A 389 15.17 9.61 -25.02
N PRO A 390 16.11 10.51 -25.33
CA PRO A 390 17.42 10.07 -25.82
C PRO A 390 18.16 9.26 -24.78
N LEU A 391 19.01 8.35 -25.27
CA LEU A 391 19.77 7.42 -24.43
C LEU A 391 18.82 6.58 -23.57
N SER A 392 17.91 5.89 -24.25
CA SER A 392 16.87 5.14 -23.56
C SER A 392 17.40 4.04 -22.65
N PRO A 393 18.34 3.17 -23.07
CA PRO A 393 18.78 2.09 -22.16
C PRO A 393 19.38 2.59 -20.87
N LEU A 394 20.16 3.67 -20.91
CA LEU A 394 20.84 4.15 -19.70
C LEU A 394 19.83 4.60 -18.66
N TRP A 395 18.81 5.35 -19.08
CA TRP A 395 17.80 5.80 -18.13
C TRP A 395 16.83 4.68 -17.74
N ALA A 396 16.60 3.72 -18.64
CA ALA A 396 15.77 2.57 -18.28
C ALA A 396 16.45 1.70 -17.23
N THR A 397 17.77 1.62 -17.25
CA THR A 397 18.49 0.84 -16.24
C THR A 397 18.32 1.43 -14.85
N LEU A 398 18.37 2.76 -14.73
CA LEU A 398 18.38 3.40 -13.42
C LEU A 398 17.01 3.41 -12.76
N PHE A 399 15.94 3.56 -13.54
CA PHE A 399 14.59 3.67 -12.96
C PHE A 399 14.21 2.39 -12.23
N PHE A 400 14.45 1.23 -12.86
CA PHE A 400 14.15 -0.03 -12.18
C PHE A 400 15.08 -0.25 -11.01
N MET A 401 16.30 0.29 -11.06
CA MET A 401 17.20 0.21 -9.92
C MET A 401 16.63 0.95 -8.71
N MET A 402 16.11 2.16 -8.92
CA MET A 402 15.53 2.90 -7.80
C MET A 402 14.26 2.23 -7.31
N LEU A 403 13.46 1.66 -8.21
CA LEU A 403 12.28 0.91 -7.77
C LEU A 403 12.67 -0.26 -6.89
N ILE A 404 13.69 -1.03 -7.31
CA ILE A 404 14.14 -2.17 -6.52
C ILE A 404 14.68 -1.73 -5.17
N PHE A 405 15.46 -0.64 -5.16
CA PHE A 405 16.02 -0.16 -3.90
C PHE A 405 14.93 0.27 -2.94
N LEU A 406 13.93 1.01 -3.43
CA LEU A 406 12.82 1.43 -2.57
C LEU A 406 12.04 0.22 -2.05
N GLY A 407 11.79 -0.76 -2.92
CA GLY A 407 11.06 -1.95 -2.47
C GLY A 407 11.82 -2.72 -1.41
N LEU A 408 13.12 -2.92 -1.61
CA LEU A 408 13.92 -3.63 -0.61
C LEU A 408 13.99 -2.87 0.70
N ASP A 409 14.13 -1.54 0.63
CA ASP A 409 14.18 -0.75 1.86
C ASP A 409 12.85 -0.81 2.61
N SER A 410 11.74 -0.82 1.88
CA SER A 410 10.44 -0.95 2.54
C SER A 410 10.25 -2.33 3.13
N GLN A 411 10.72 -3.37 2.44
CA GLN A 411 10.52 -4.73 2.91
C GLN A 411 11.40 -5.09 4.09
N PHE A 412 12.59 -4.49 4.19
CA PHE A 412 13.47 -4.78 5.32
C PHE A 412 12.78 -4.48 6.65
N VAL A 413 12.20 -3.30 6.79
CA VAL A 413 11.55 -2.93 8.05
C VAL A 413 10.34 -3.79 8.31
N CYS A 414 9.50 -4.03 7.29
CA CYS A 414 8.29 -4.81 7.48
C CYS A 414 8.58 -6.27 7.79
N VAL A 415 9.76 -6.78 7.41
CA VAL A 415 10.11 -8.15 7.76
C VAL A 415 10.78 -8.20 9.13
N GLU A 416 11.51 -7.15 9.51
CA GLU A 416 12.15 -7.12 10.86
C GLU A 416 11.08 -7.08 11.97
N SER A 417 10.09 -6.20 11.85
CA SER A 417 9.08 -6.05 12.93
C SER A 417 8.37 -7.38 13.22
N LEU A 418 7.95 -8.12 12.20
CA LEU A 418 7.18 -9.38 12.46
C LEU A 418 8.02 -10.30 13.35
N VAL A 419 9.35 -10.25 13.22
CA VAL A 419 10.25 -11.12 14.05
C VAL A 419 10.27 -10.56 15.47
N THR A 420 9.51 -9.50 15.77
CA THR A 420 9.44 -9.03 17.18
C THR A 420 8.64 -10.04 18.00
N ALA A 421 8.21 -11.15 17.39
CA ALA A 421 7.47 -12.21 18.11
C ALA A 421 8.30 -12.69 19.30
N VAL A 422 9.60 -12.38 19.31
CA VAL A 422 10.47 -12.76 20.46
C VAL A 422 9.85 -12.22 21.75
N VAL A 423 9.48 -10.93 21.79
CA VAL A 423 8.95 -10.34 23.05
C VAL A 423 7.71 -11.11 23.48
N ASP A 424 6.93 -11.61 22.51
CA ASP A 424 5.69 -12.36 22.82
C ASP A 424 6.07 -13.72 23.43
N MET A 425 7.14 -14.34 22.94
CA MET A 425 7.47 -15.70 23.44
C MET A 425 8.68 -15.64 24.36
N TYR A 426 8.95 -14.47 24.96
CA TYR A 426 10.06 -14.34 25.90
C TYR A 426 11.32 -14.97 25.30
N GLY A 433 11.44 -17.88 19.20
CA GLY A 433 12.81 -17.66 19.55
C GLY A 433 12.99 -17.07 20.93
N TYR A 434 13.36 -17.92 21.89
CA TYR A 434 13.55 -17.44 23.27
C TYR A 434 14.74 -16.49 23.36
N ARG A 435 15.89 -16.91 22.83
CA ARG A 435 17.10 -16.10 22.88
C ARG A 435 17.62 -15.74 21.50
N ARG A 436 17.81 -16.73 20.63
CA ARG A 436 18.35 -16.52 19.29
C ARG A 436 17.23 -16.53 18.26
N GLU A 437 17.25 -15.51 17.39
CA GLU A 437 16.20 -15.32 16.38
C GLU A 437 16.66 -15.95 15.06
N LEU A 438 16.64 -17.28 15.03
CA LEU A 438 16.92 -18.02 13.80
C LEU A 438 15.64 -18.34 13.03
N LEU A 439 14.47 -17.99 13.57
CA LEU A 439 13.22 -18.22 12.89
C LEU A 439 13.06 -17.36 11.64
N ILE A 440 13.97 -16.42 11.40
CA ILE A 440 13.95 -15.64 10.16
C ILE A 440 14.08 -16.58 8.97
N LEU A 441 14.94 -17.59 9.07
CA LEU A 441 15.08 -18.57 7.99
C LEU A 441 13.78 -19.31 7.75
N ALA A 442 13.10 -19.71 8.83
CA ALA A 442 11.83 -20.42 8.67
C ALA A 442 10.77 -19.51 8.03
N LEU A 443 10.74 -18.24 8.42
CA LEU A 443 9.78 -17.32 7.84
C LEU A 443 10.01 -17.13 6.34
N SER A 444 11.28 -16.99 5.93
CA SER A 444 11.58 -16.76 4.52
C SER A 444 11.18 -17.96 3.67
N VAL A 445 11.50 -19.17 4.12
CA VAL A 445 11.17 -20.37 3.36
C VAL A 445 9.66 -20.54 3.26
N ILE A 446 8.94 -20.33 4.37
CA ILE A 446 7.49 -20.42 4.36
C ILE A 446 6.90 -19.35 3.44
N SER A 447 7.41 -18.12 3.54
CA SER A 447 6.89 -17.04 2.71
C SER A 447 7.17 -17.26 1.22
N TYR A 448 8.32 -17.85 0.90
CA TYR A 448 8.68 -18.08 -0.50
C TYR A 448 7.75 -19.09 -1.15
N PHE A 449 7.54 -20.23 -0.50
CA PHE A 449 6.71 -21.28 -1.09
C PHE A 449 5.25 -20.85 -1.16
N LEU A 450 4.77 -20.12 -0.15
CA LEU A 450 3.38 -19.67 -0.16
C LEU A 450 3.13 -18.67 -1.29
N GLY A 451 4.12 -17.84 -1.59
CA GLY A 451 3.99 -16.82 -2.61
C GLY A 451 4.21 -17.27 -4.03
N LEU A 452 4.49 -18.55 -4.25
CA LEU A 452 4.70 -19.07 -5.60
C LEU A 452 3.43 -19.13 -6.43
N VAL A 453 2.25 -19.04 -5.80
CA VAL A 453 1.00 -19.10 -6.54
C VAL A 453 0.77 -17.86 -7.40
N MET A 454 1.16 -16.68 -6.93
CA MET A 454 0.97 -15.43 -7.66
C MET A 454 1.87 -15.32 -8.89
N LEU A 455 2.85 -16.21 -9.04
CA LEU A 455 3.78 -16.18 -10.16
C LEU A 455 3.46 -17.22 -11.23
N THR A 456 2.42 -18.03 -11.04
CA THR A 456 2.02 -18.97 -12.07
C THR A 456 1.20 -18.27 -13.15
N GLU A 457 0.78 -19.05 -14.13
CA GLU A 457 -0.08 -18.53 -15.19
C GLU A 457 -1.38 -17.97 -14.61
N GLY A 458 -1.74 -16.76 -15.03
CA GLY A 458 -2.88 -16.10 -14.44
C GLY A 458 -2.70 -15.77 -12.98
N GLY A 459 -1.49 -15.39 -12.57
CA GLY A 459 -1.25 -15.05 -11.17
C GLY A 459 -1.77 -13.70 -10.78
N MET A 460 -1.97 -12.80 -11.75
CA MET A 460 -2.52 -11.48 -11.45
C MET A 460 -3.95 -11.57 -10.95
N TYR A 461 -4.68 -12.59 -11.38
CA TYR A 461 -6.09 -12.71 -10.97
C TYR A 461 -6.21 -12.88 -9.46
N ILE A 462 -5.37 -13.72 -8.88
CA ILE A 462 -5.34 -13.86 -7.42
C ILE A 462 -4.64 -12.69 -6.74
N PHE A 463 -3.90 -11.88 -7.49
CA PHE A 463 -3.25 -10.71 -6.92
C PHE A 463 -4.26 -9.66 -6.50
N GLN A 464 -5.29 -9.44 -7.32
CA GLN A 464 -6.31 -8.43 -6.99
C GLN A 464 -7.06 -8.83 -5.72
N LEU A 465 -7.37 -10.11 -5.58
CA LEU A 465 -8.00 -10.59 -4.34
C LEU A 465 -7.07 -10.41 -3.13
N PHE A 466 -5.76 -10.35 -3.36
CA PHE A 466 -4.80 -10.11 -2.30
C PHE A 466 -4.63 -8.63 -1.98
N ASP A 467 -5.11 -7.74 -2.83
CA ASP A 467 -4.90 -6.30 -2.69
C ASP A 467 -6.17 -5.51 -2.43
N SER A 468 -7.35 -6.09 -2.65
CA SER A 468 -8.60 -5.40 -2.41
C SER A 468 -9.32 -5.87 -1.15
N TYR A 469 -8.92 -7.01 -0.57
CA TYR A 469 -9.56 -7.53 0.63
C TYR A 469 -8.56 -7.78 1.75
N ALA A 470 -7.35 -8.21 1.43
CA ALA A 470 -6.31 -8.45 2.42
C ALA A 470 -5.30 -7.30 2.42
N ALA A 471 -4.95 -6.86 3.62
CA ALA A 471 -4.01 -5.75 3.83
C ALA A 471 -4.51 -4.45 3.20
N SER A 472 -5.80 -4.35 2.94
CA SER A 472 -6.43 -3.18 2.33
C SER A 472 -7.93 -3.35 2.47
N GLY A 473 -8.68 -2.45 1.85
CA GLY A 473 -10.14 -2.55 1.89
C GLY A 473 -10.67 -2.34 3.30
N MET A 474 -11.54 -3.26 3.72
CA MET A 474 -12.20 -3.16 5.01
C MET A 474 -11.37 -3.67 6.17
N CYS A 475 -10.23 -4.30 5.89
CA CYS A 475 -9.43 -4.89 7.00
C CYS A 475 -8.87 -3.78 7.89
N LEU A 476 -8.62 -2.60 7.33
CA LEU A 476 -7.99 -1.50 8.11
C LEU A 476 -9.06 -0.59 8.70
N LEU A 477 -10.14 -0.32 7.97
CA LEU A 477 -11.18 0.62 8.45
C LEU A 477 -11.74 0.11 9.78
N PHE A 478 -12.15 -1.16 9.85
CA PHE A 478 -12.77 -1.70 11.08
C PHE A 478 -11.76 -1.65 12.24
N VAL A 479 -10.53 -2.09 11.99
CA VAL A 479 -9.49 -2.06 13.04
C VAL A 479 -9.36 -0.62 13.53
N ALA A 480 -9.32 0.37 12.63
CA ALA A 480 -9.14 1.79 13.01
C ALA A 480 -10.32 2.30 13.84
N ILE A 481 -11.55 1.87 13.53
CA ILE A 481 -12.70 2.27 14.38
C ILE A 481 -12.38 1.84 15.81
N PHE A 482 -11.86 0.62 15.98
CA PHE A 482 -11.44 0.16 17.34
C PHE A 482 -9.99 0.57 17.58
N GLU A 483 -9.30 1.06 16.54
CA GLU A 483 -7.85 1.37 16.71
C GLU A 483 -7.73 1.97 18.09
N CYS A 484 -8.46 3.06 18.33
CA CYS A 484 -8.47 3.53 19.73
C CYS A 484 -9.67 4.41 20.08
N ILE A 485 -10.85 3.80 20.18
CA ILE A 485 -11.97 4.54 20.80
C ILE A 485 -11.51 4.43 22.26
N CYS A 486 -10.49 3.59 22.50
CA CYS A 486 -9.88 3.44 23.84
C CYS A 486 -9.23 4.77 24.26
N ILE A 487 -8.21 5.22 23.53
CA ILE A 487 -7.58 6.53 23.85
C ILE A 487 -8.69 7.58 23.90
N GLY A 488 -9.69 7.45 23.03
CA GLY A 488 -10.81 8.40 23.00
C GLY A 488 -11.79 8.25 24.16
N TRP A 489 -12.16 7.01 24.53
CA TRP A 489 -13.23 6.82 25.56
C TRP A 489 -12.75 5.95 26.74
N VAL A 490 -11.82 5.02 26.51
CA VAL A 490 -11.40 4.08 27.59
C VAL A 490 -10.03 4.51 28.13
N TYR A 491 -9.65 5.77 27.94
CA TYR A 491 -8.38 6.28 28.51
C TYR A 491 -8.49 7.79 28.71
N SER A 493 -7.82 10.81 26.12
CA SER A 493 -8.26 12.13 25.72
C SER A 493 -7.66 13.20 26.61
N ASN A 494 -8.38 13.53 27.70
CA ASN A 494 -7.90 14.58 28.60
C ASN A 494 -6.63 14.14 29.34
N ARG A 495 -6.64 12.92 29.88
CA ARG A 495 -5.44 12.43 30.56
C ARG A 495 -4.28 12.26 29.60
N PHE A 496 -4.56 11.74 28.40
CA PHE A 496 -3.50 11.56 27.41
C PHE A 496 -2.91 12.89 26.98
N TYR A 497 -3.73 13.94 26.93
CA TYR A 497 -3.21 15.26 26.61
C TYR A 497 -2.24 15.74 27.68
N ASP A 498 -2.49 15.41 28.95
CA ASP A 498 -1.54 15.74 30.00
C ASP A 498 -0.22 15.03 29.80
N ASN A 499 -0.26 13.74 29.43
CA ASN A 499 0.97 13.02 29.16
C ASN A 499 1.72 13.61 27.97
N ILE A 500 0.99 14.00 26.93
CA ILE A 500 1.60 14.62 25.76
C ILE A 500 2.27 15.93 26.15
N GLU A 501 1.59 16.75 26.96
CA GLU A 501 2.17 18.00 27.42
C GLU A 501 3.42 17.77 28.25
N ASP A 502 3.40 16.73 29.10
CA ASP A 502 4.60 16.38 29.86
C ASP A 502 5.73 15.99 28.92
N MET A 503 5.42 15.24 27.87
CA MET A 503 6.46 14.74 26.96
C MET A 503 7.08 15.86 26.14
N ILE A 504 6.25 16.74 25.57
CA ILE A 504 6.77 17.71 24.61
C ILE A 504 6.92 19.09 25.24
N GLY A 505 6.11 19.39 26.25
CA GLY A 505 6.22 20.67 26.93
C GLY A 505 4.96 21.52 26.88
N TYR A 506 4.31 21.59 25.73
CA TYR A 506 3.10 22.38 25.57
C TYR A 506 1.93 21.48 25.16
N ARG A 507 0.80 22.10 24.84
CA ARG A 507 -0.43 21.38 24.55
C ARG A 507 -0.82 21.59 23.08
N PRO A 508 -1.08 20.51 22.34
CA PRO A 508 -1.51 20.64 20.95
C PRO A 508 -2.93 21.17 20.88
N PRO A 509 -3.38 21.61 19.69
CA PRO A 509 -4.75 22.13 19.56
C PRO A 509 -5.80 21.08 19.94
N SER A 510 -6.91 21.58 20.46
CA SER A 510 -7.98 20.72 20.98
C SER A 510 -8.82 20.08 19.89
N LEU A 511 -8.64 20.46 18.62
CA LEU A 511 -9.42 19.85 17.55
C LEU A 511 -9.06 18.38 17.36
N ILE A 512 -7.79 18.01 17.61
CA ILE A 512 -7.38 16.62 17.45
C ILE A 512 -8.11 15.72 18.44
N LYS A 513 -8.33 16.21 19.66
CA LYS A 513 -9.05 15.43 20.67
C LYS A 513 -10.48 15.14 20.22
N TRP A 514 -11.17 16.17 19.71
CA TRP A 514 -12.52 15.95 19.22
C TRP A 514 -12.54 15.06 17.99
N CYS A 515 -11.50 15.15 17.14
CA CYS A 515 -11.38 14.23 16.02
C CYS A 515 -11.32 12.80 16.53
N TRP A 516 -10.38 12.50 17.44
CA TRP A 516 -10.29 11.18 18.04
C TRP A 516 -11.63 10.74 18.61
N MET A 517 -12.33 11.64 19.30
CA MET A 517 -13.55 11.27 19.99
C MET A 517 -14.66 10.90 19.01
N ILE A 518 -14.92 11.73 18.02
CA ILE A 518 -16.17 11.59 17.26
C ILE A 518 -15.97 11.57 15.74
N MET A 519 -14.87 12.05 15.18
CA MET A 519 -14.81 12.23 13.73
C MET A 519 -14.32 10.97 13.02
N THR A 520 -13.11 10.51 13.35
CA THR A 520 -12.58 9.31 12.70
C THR A 520 -13.43 8.08 12.96
N PRO A 521 -13.81 7.74 14.20
CA PRO A 521 -14.72 6.59 14.39
C PRO A 521 -16.10 6.80 13.78
N GLY A 522 -16.49 8.03 13.49
CA GLY A 522 -17.75 8.29 12.84
C GLY A 522 -17.65 8.12 11.33
N ILE A 523 -16.65 8.76 10.72
CA ILE A 523 -16.46 8.66 9.28
C ILE A 523 -16.18 7.22 8.86
N CYS A 524 -15.29 6.55 9.60
CA CYS A 524 -14.95 5.17 9.24
C CYS A 524 -16.15 4.25 9.36
N ALA A 525 -16.93 4.40 10.43
CA ALA A 525 -18.13 3.59 10.59
C ALA A 525 -19.15 3.88 9.50
N GLY A 526 -19.31 5.16 9.14
CA GLY A 526 -20.24 5.50 8.06
C GLY A 526 -19.83 4.89 6.74
N ILE A 527 -18.54 4.96 6.42
CA ILE A 527 -18.07 4.38 5.16
C ILE A 527 -18.22 2.86 5.19
N PHE A 528 -17.95 2.23 6.34
CA PHE A 528 -18.08 0.78 6.45
C PHE A 528 -19.53 0.36 6.22
N ILE A 529 -20.47 1.06 6.86
CA ILE A 529 -21.89 0.75 6.68
C ILE A 529 -22.32 1.00 5.24
N PHE A 530 -21.84 2.10 4.64
CA PHE A 530 -22.16 2.40 3.26
C PHE A 530 -21.70 1.28 2.33
N PHE A 531 -20.48 0.79 2.54
CA PHE A 531 -19.99 -0.31 1.71
C PHE A 531 -20.78 -1.59 1.93
N LEU A 532 -21.10 -1.91 3.18
CA LEU A 532 -21.80 -3.16 3.44
C LEU A 532 -23.28 -3.11 3.13
N ILE A 533 -23.85 -1.93 2.90
CA ILE A 533 -25.30 -1.83 2.69
C ILE A 533 -25.62 -1.81 1.20
N LYS A 534 -24.66 -1.40 0.37
CA LYS A 534 -24.88 -1.31 -1.07
C LYS A 534 -23.52 -1.33 -1.75
N TYR A 535 -23.16 -2.47 -2.33
CA TYR A 535 -21.85 -2.64 -2.95
C TYR A 535 -22.00 -3.33 -4.30
N LYS A 536 -20.98 -3.13 -5.14
CA LYS A 536 -20.89 -3.74 -6.46
C LYS A 536 -19.76 -4.75 -6.49
N PRO A 537 -19.96 -5.91 -7.10
CA PRO A 537 -18.89 -6.92 -7.12
C PRO A 537 -17.64 -6.41 -7.83
N LEU A 538 -16.49 -6.77 -7.29
CA LEU A 538 -15.22 -6.33 -7.83
C LEU A 538 -14.89 -7.08 -9.11
N LYS A 539 -14.38 -6.35 -10.10
CA LYS A 539 -14.03 -6.91 -11.40
C LYS A 539 -12.60 -6.53 -11.76
N TYR A 540 -11.94 -7.41 -12.51
CA TYR A 540 -10.57 -7.17 -12.94
C TYR A 540 -10.58 -6.24 -14.15
N ASN A 541 -10.10 -5.01 -13.95
CA ASN A 541 -10.08 -3.95 -14.97
C ASN A 541 -11.43 -3.82 -15.67
N ASN A 542 -12.51 -4.13 -14.94
CA ASN A 542 -13.88 -3.86 -15.36
C ASN A 542 -14.32 -4.71 -16.55
N ILE A 543 -13.82 -5.94 -16.69
CA ILE A 543 -14.34 -6.86 -17.68
C ILE A 543 -14.69 -8.20 -17.04
N TYR A 544 -13.73 -8.78 -16.32
CA TYR A 544 -13.83 -10.13 -15.80
C TYR A 544 -14.29 -10.11 -14.34
N THR A 545 -15.27 -10.96 -14.02
CA THR A 545 -15.82 -11.06 -12.68
C THR A 545 -15.43 -12.40 -12.07
N TYR A 546 -14.95 -12.37 -10.82
CA TYR A 546 -14.54 -13.58 -10.15
C TYR A 546 -15.75 -14.46 -9.81
N PRO A 547 -15.56 -15.78 -9.74
CA PRO A 547 -16.65 -16.66 -9.32
C PRO A 547 -16.97 -16.53 -7.84
N ALA A 548 -17.88 -17.37 -7.35
CA ALA A 548 -18.30 -17.27 -5.95
C ALA A 548 -17.15 -17.57 -4.99
N TRP A 549 -16.34 -18.59 -5.29
CA TRP A 549 -15.30 -18.99 -4.36
C TRP A 549 -14.17 -17.97 -4.27
N GLY A 550 -13.95 -17.16 -5.30
CA GLY A 550 -12.99 -16.08 -5.18
C GLY A 550 -13.40 -15.06 -4.13
N TYR A 551 -14.67 -14.64 -4.17
CA TYR A 551 -15.18 -13.74 -3.15
C TYR A 551 -15.23 -14.44 -1.79
N GLY A 552 -15.47 -15.76 -1.77
CA GLY A 552 -15.43 -16.48 -0.51
C GLY A 552 -14.06 -16.46 0.14
N ILE A 553 -13.02 -16.70 -0.65
CA ILE A 553 -11.66 -16.66 -0.11
C ILE A 553 -11.28 -15.23 0.26
N GLY A 554 -11.78 -14.23 -0.48
CA GLY A 554 -11.55 -12.86 -0.09
C GLY A 554 -12.18 -12.51 1.24
N TRP A 555 -13.42 -12.96 1.46
CA TRP A 555 -14.06 -12.75 2.75
C TRP A 555 -13.32 -13.49 3.86
N LEU A 556 -12.85 -14.70 3.57
CA LEU A 556 -12.10 -15.45 4.58
C LEU A 556 -10.82 -14.73 4.98
N MET A 557 -10.05 -14.26 4.00
CA MET A 557 -8.80 -13.58 4.32
C MET A 557 -9.04 -12.21 4.96
N ALA A 558 -10.16 -11.56 4.65
CA ALA A 558 -10.48 -10.30 5.30
C ALA A 558 -10.92 -10.53 6.75
N LEU A 559 -11.69 -11.59 6.99
CA LEU A 559 -12.10 -11.91 8.36
C LEU A 559 -10.93 -12.35 9.22
N SER A 560 -9.96 -13.06 8.62
CA SER A 560 -8.82 -13.58 9.38
C SER A 560 -8.01 -12.49 10.08
N SER A 561 -8.26 -11.22 9.78
CA SER A 561 -7.58 -10.11 10.45
C SER A 561 -8.50 -9.27 11.31
N MET A 562 -9.80 -9.21 10.99
CA MET A 562 -10.73 -8.37 11.72
C MET A 562 -11.55 -9.11 12.77
N LEU A 563 -11.57 -10.45 12.74
CA LEU A 563 -12.34 -11.22 13.71
C LEU A 563 -11.55 -11.52 14.97
N CYS A 564 -10.25 -11.20 15.01
CA CYS A 564 -9.45 -11.47 16.20
C CYS A 564 -9.86 -10.57 17.36
N ILE A 565 -10.12 -9.30 17.08
CA ILE A 565 -10.44 -8.36 18.16
C ILE A 565 -11.71 -8.74 18.90
N PRO A 566 -12.85 -9.00 18.25
CA PRO A 566 -14.03 -9.43 19.01
C PRO A 566 -13.85 -10.75 19.74
N LEU A 567 -13.07 -11.67 19.17
CA LEU A 567 -12.91 -12.99 19.78
C LEU A 567 -11.96 -12.96 20.98
N TRP A 568 -10.95 -12.07 20.95
CA TRP A 568 -9.96 -12.05 22.01
C TRP A 568 -10.54 -11.57 23.34
N ILE A 569 -11.66 -10.84 23.32
CA ILE A 569 -12.32 -10.48 24.56
C ILE A 569 -12.85 -11.71 25.27
N CYS A 570 -13.31 -12.71 24.51
CA CYS A 570 -13.79 -13.95 25.13
C CYS A 570 -12.64 -14.73 25.76
N ILE A 571 -11.41 -14.46 25.35
CA ILE A 571 -10.26 -15.11 25.97
C ILE A 571 -9.81 -14.34 27.20
N THR A 572 -9.77 -13.01 27.11
CA THR A 572 -9.37 -12.21 28.27
C THR A 572 -10.42 -12.28 29.38
N VAL A 573 -11.63 -11.77 29.10
CA VAL A 573 -12.75 -11.93 30.03
C VAL A 573 -13.13 -13.41 29.99
N TRP A 574 -13.74 -13.90 31.08
CA TRP A 574 -14.11 -15.30 31.31
C TRP A 574 -12.91 -16.14 31.72
N LYS A 575 -11.71 -15.57 31.75
CA LYS A 575 -10.56 -16.20 32.37
C LYS A 575 -10.14 -15.46 33.63
N THR A 576 -10.76 -14.32 33.93
CA THR A 576 -10.50 -13.56 35.14
C THR A 576 -11.51 -14.06 36.18
N GLU A 577 -11.72 -13.31 37.27
CA GLU A 577 -12.58 -13.76 38.36
C GLU A 577 -13.94 -14.21 37.85
N GLY A 578 -14.57 -13.42 36.98
CA GLY A 578 -15.81 -13.83 36.35
C GLY A 578 -16.97 -12.88 36.53
N THR A 579 -17.10 -12.28 37.70
CA THR A 579 -18.19 -11.33 37.94
C THR A 579 -18.01 -10.09 37.08
N LEU A 580 -18.94 -9.88 36.16
CA LEU A 580 -18.75 -8.88 35.10
C LEU A 580 -18.47 -7.47 35.63
N PRO A 581 -19.25 -6.91 36.56
CA PRO A 581 -19.00 -5.52 36.99
C PRO A 581 -17.62 -5.32 37.60
N GLU A 582 -17.28 -6.15 38.59
CA GLU A 582 -15.99 -6.01 39.25
C GLU A 582 -14.85 -6.37 38.32
N LYS A 583 -15.03 -7.40 37.48
CA LYS A 583 -13.96 -7.83 36.58
C LYS A 583 -13.64 -6.77 35.54
N LEU A 584 -14.67 -6.12 34.99
CA LEU A 584 -14.41 -5.15 33.89
C LEU A 584 -13.45 -4.06 34.39
N GLN A 585 -13.53 -3.74 35.68
CA GLN A 585 -12.70 -2.64 36.24
C GLN A 585 -11.22 -2.97 36.07
N LYS A 586 -10.79 -4.17 36.46
CA LYS A 586 -9.35 -4.52 36.41
C LYS A 586 -8.87 -4.50 34.96
N LEU A 587 -9.62 -5.11 34.05
CA LEU A 587 -9.17 -5.22 32.64
C LEU A 587 -9.10 -3.82 32.01
N THR A 588 -9.58 -2.79 32.71
CA THR A 588 -9.61 -1.41 32.12
C THR A 588 -8.54 -0.55 32.80
N THR A 589 -8.31 -0.75 34.09
CA THR A 589 -7.25 0.01 34.80
C THR A 589 -5.93 -0.18 34.05
N PRO A 590 -5.26 0.91 33.61
CA PRO A 590 -3.96 0.77 32.94
C PRO A 590 -2.90 0.38 33.97
N SER A 591 -1.70 0.01 33.50
CA SER A 591 -0.59 -0.38 34.42
C SER A 591 0.10 0.87 34.98
N THR A 592 1.26 0.71 35.60
CA THR A 592 1.99 1.87 36.19
C THR A 592 2.96 2.45 35.15
N ASP A 593 2.45 3.24 34.20
CA ASP A 593 3.32 3.86 33.16
C ASP A 593 4.28 4.83 33.84
#